data_9H7E
#
_entry.id   9H7E
#
_cell.length_a   84.123
_cell.length_b   41.221
_cell.length_c   63.481
_cell.angle_alpha   90.00
_cell.angle_beta   90.00
_cell.angle_gamma   90.00
#
_symmetry.space_group_name_H-M   'P 21 21 2'
#
loop_
_entity.id
_entity.type
_entity.pdbx_description
1 polymer Transthyretin
2 non-polymer 'CALCIUM ION'
3 non-polymer '4-(pyridin-3-yl)benzoic acid'
4 water water
#
_entity_poly.entity_id   1
_entity_poly.type   'polypeptide(L)'
_entity_poly.pdbx_seq_one_letter_code
;GPTGTGESKCPLMVKVLDAVRGSPAINVAVHVFRKAADDTWEPFASGKTSESGELHGLTTEEEFVEGIYKVEIDTKSYWK
ALGISPFHEHAEVVFTANDSGPRRYTIAALLSPYSYSTTAVVTNPKE
;
_entity_poly.pdbx_strand_id   A,B
#
loop_
_chem_comp.id
_chem_comp.type
_chem_comp.name
_chem_comp.formula
CA non-polymer 'CALCIUM ION' 'Ca 2'
PQM non-polymer '4-(pyridin-3-yl)benzoic acid' 'C12 H9 N O2'
#
# COMPACT_ATOMS: atom_id res chain seq x y z
N PRO A 11 -19.15 4.79 2.52
CA PRO A 11 -18.58 3.52 1.99
C PRO A 11 -17.03 3.43 1.82
N LEU A 12 -16.32 4.55 1.77
CA LEU A 12 -14.87 4.51 1.67
C LEU A 12 -14.30 5.61 2.57
N MET A 13 -13.53 5.24 3.60
CA MET A 13 -13.00 6.17 4.61
C MET A 13 -11.52 5.87 4.65
N VAL A 14 -10.74 6.93 4.92
CA VAL A 14 -9.28 6.80 5.03
C VAL A 14 -8.88 7.51 6.31
N LYS A 15 -8.01 6.86 7.08
CA LYS A 15 -7.51 7.47 8.35
C LYS A 15 -6.03 7.31 8.33
N VAL A 16 -5.30 8.37 8.65
CA VAL A 16 -3.84 8.40 8.55
C VAL A 16 -3.17 8.98 9.76
N LEU A 17 -2.19 8.26 10.29
CA LEU A 17 -1.42 8.67 11.47
C LEU A 17 0.05 8.83 11.11
N ASP A 18 0.70 9.72 11.89
CA ASP A 18 2.12 10.11 11.69
C ASP A 18 2.94 9.55 12.85
N ALA A 19 3.84 8.63 12.53
CA ALA A 19 4.66 7.96 13.57
C ALA A 19 5.86 8.78 13.99
N VAL A 20 6.15 9.87 13.31
CA VAL A 20 7.29 10.73 13.65
C VAL A 20 6.88 11.78 14.69
N ARG A 21 5.71 12.33 14.52
CA ARG A 21 5.20 13.40 15.39
C ARG A 21 4.26 12.92 16.48
N GLY A 22 3.77 11.68 16.34
CA GLY A 22 2.83 11.21 17.37
C GLY A 22 1.47 11.89 17.27
N SER A 23 0.94 11.94 16.06
CA SER A 23 -0.24 12.74 15.76
C SER A 23 -0.99 12.16 14.59
N PRO A 24 -2.20 12.65 14.41
CA PRO A 24 -2.84 12.36 13.13
C PRO A 24 -2.04 12.98 12.00
N ALA A 25 -2.16 12.49 10.78
CA ALA A 25 -1.60 13.08 9.65
C ALA A 25 -2.63 14.00 9.05
N ILE A 26 -2.46 15.28 9.25
CA ILE A 26 -3.39 16.33 8.89
C ILE A 26 -3.10 16.94 7.50
N ASN A 27 -4.16 17.28 6.82
CA ASN A 27 -4.11 17.83 5.49
C ASN A 27 -3.34 16.98 4.48
N VAL A 28 -3.42 15.65 4.55
CA VAL A 28 -2.72 14.84 3.57
C VAL A 28 -3.67 14.59 2.41
N ALA A 29 -3.16 14.76 1.21
CA ALA A 29 -3.97 14.52 -0.03
C ALA A 29 -4.13 13.01 -0.24
N VAL A 30 -5.36 12.62 -0.63
CA VAL A 30 -5.65 11.21 -0.93
C VAL A 30 -6.39 11.20 -2.29
N HIS A 31 -5.87 10.43 -3.25
CA HIS A 31 -6.48 10.31 -4.56
C HIS A 31 -6.94 8.91 -4.71
N VAL A 32 -8.17 8.72 -5.18
CA VAL A 32 -8.66 7.36 -5.42
C VAL A 32 -8.92 7.25 -6.92
N PHE A 33 -8.51 6.12 -7.53
CA PHE A 33 -8.69 5.91 -8.92
C PHE A 33 -9.38 4.55 -9.06
N ARG A 34 -10.06 4.39 -10.19
CA ARG A 34 -10.73 3.13 -10.50
C ARG A 34 -10.20 2.61 -11.80
N LYS A 35 -10.01 1.31 -11.90
CA LYS A 35 -9.37 0.70 -13.13
C LYS A 35 -10.34 0.65 -14.30
N ALA A 36 -9.95 1.24 -15.46
CA ALA A 36 -10.84 1.36 -16.65
C ALA A 36 -10.73 0.14 -17.56
N THR A 40 -6.20 1.43 -17.77
CA THR A 40 -5.83 2.73 -17.22
C THR A 40 -6.59 3.08 -15.92
N TRP A 41 -5.98 3.93 -15.10
CA TRP A 41 -6.51 4.37 -13.82
C TRP A 41 -7.34 5.60 -13.98
N GLU A 42 -8.67 5.49 -13.90
CA GLU A 42 -9.51 6.70 -14.01
C GLU A 42 -9.67 7.39 -12.68
N PRO A 43 -9.54 8.73 -12.64
CA PRO A 43 -9.87 9.41 -11.43
C PRO A 43 -11.28 9.08 -10.90
N PHE A 44 -11.39 8.75 -9.62
CA PHE A 44 -12.67 8.42 -9.00
C PHE A 44 -13.12 9.46 -7.94
N ALA A 45 -12.24 9.75 -7.00
CA ALA A 45 -12.57 10.66 -5.88
C ALA A 45 -11.28 11.08 -5.22
N SER A 46 -11.27 12.28 -4.64
CA SER A 46 -10.10 12.66 -3.86
C SER A 46 -10.53 13.62 -2.74
N GLY A 47 -9.55 13.87 -1.84
CA GLY A 47 -9.89 14.62 -0.64
C GLY A 47 -8.60 14.91 0.13
N LYS A 48 -8.76 15.54 1.29
CA LYS A 48 -7.61 15.75 2.20
C LYS A 48 -8.04 15.32 3.58
N THR A 49 -7.18 14.67 4.37
CA THR A 49 -7.52 14.34 5.74
C THR A 49 -7.76 15.60 6.63
N SER A 50 -8.62 15.45 7.65
CA SER A 50 -9.02 16.47 8.58
C SER A 50 -7.97 16.61 9.72
N GLU A 51 -8.30 17.44 10.67
CA GLU A 51 -7.47 17.60 11.82
C GLU A 51 -7.38 16.34 12.70
N SER A 52 -8.29 15.38 12.50
CA SER A 52 -8.28 14.09 13.13
C SER A 52 -7.53 13.03 12.28
N GLY A 53 -7.00 13.42 11.13
CA GLY A 53 -6.43 12.47 10.17
C GLY A 53 -7.40 11.67 9.32
N GLU A 54 -8.65 12.03 9.33
CA GLU A 54 -9.66 11.22 8.69
C GLU A 54 -10.18 11.95 7.49
N LEU A 55 -10.61 11.16 6.53
CA LEU A 55 -11.19 11.65 5.33
C LEU A 55 -12.48 10.88 5.16
N HIS A 56 -13.58 11.57 5.36
CA HIS A 56 -14.95 11.14 5.05
C HIS A 56 -15.47 11.89 3.84
N GLY A 57 -16.51 11.37 3.23
CA GLY A 57 -17.10 12.08 2.11
C GLY A 57 -16.42 11.93 0.74
N LEU A 58 -15.58 10.91 0.59
CA LEU A 58 -14.95 10.67 -0.68
C LEU A 58 -15.95 10.36 -1.75
N THR A 59 -16.95 9.53 -1.41
CA THR A 59 -17.80 8.94 -2.41
C THR A 59 -19.12 8.61 -1.76
N THR A 60 -19.99 7.99 -2.53
CA THR A 60 -21.36 7.72 -2.09
C THR A 60 -21.64 6.34 -2.49
N GLU A 61 -22.64 5.70 -1.88
CA GLU A 61 -23.07 4.33 -2.27
C GLU A 61 -23.44 4.24 -3.73
N GLU A 62 -23.99 5.32 -4.26
CA GLU A 62 -24.39 5.36 -5.65
C GLU A 62 -23.19 5.41 -6.63
N GLU A 63 -22.18 6.17 -6.29
CA GLU A 63 -21.03 6.28 -7.13
C GLU A 63 -20.04 5.10 -7.01
N PHE A 64 -20.01 4.42 -5.84
CA PHE A 64 -19.06 3.37 -5.51
C PHE A 64 -19.42 1.92 -5.98
N VAL A 65 -19.03 1.68 -7.21
CA VAL A 65 -19.38 0.48 -7.93
C VAL A 65 -18.34 -0.57 -7.72
N GLU A 66 -18.60 -1.76 -8.19
CA GLU A 66 -17.52 -2.75 -8.09
C GLU A 66 -16.38 -2.32 -9.02
N GLY A 67 -15.20 -2.86 -8.78
CA GLY A 67 -14.05 -2.60 -9.62
C GLY A 67 -12.78 -2.64 -8.82
N ILE A 68 -11.69 -2.39 -9.48
CA ILE A 68 -10.39 -2.33 -8.84
C ILE A 68 -10.07 -0.87 -8.54
N TYR A 69 -9.86 -0.55 -7.24
CA TYR A 69 -9.56 0.80 -6.82
C TYR A 69 -8.15 0.88 -6.27
N LYS A 70 -7.60 2.04 -6.54
CA LYS A 70 -6.27 2.41 -5.97
C LYS A 70 -6.46 3.65 -5.15
N VAL A 71 -5.99 3.60 -3.93
CA VAL A 71 -5.98 4.76 -3.08
C VAL A 71 -4.52 5.17 -2.97
N GLU A 72 -4.23 6.39 -3.35
CA GLU A 72 -2.85 6.91 -3.22
C GLU A 72 -2.84 8.04 -2.22
N ILE A 73 -2.09 7.84 -1.18
CA ILE A 73 -1.96 8.85 -0.14
C ILE A 73 -0.64 9.57 -0.42
N ASP A 74 -0.73 10.91 -0.59
CA ASP A 74 0.44 11.77 -0.98
C ASP A 74 1.38 12.02 0.20
N THR A 75 2.13 11.00 0.54
CA THR A 75 3.02 11.07 1.71
C THR A 75 4.18 11.96 1.37
N LYS A 76 4.60 12.04 0.13
CA LYS A 76 5.76 12.91 -0.17
C LYS A 76 5.51 14.38 0.18
N SER A 77 4.37 14.91 -0.20
CA SER A 77 4.10 16.32 0.05
C SER A 77 4.00 16.57 1.51
N TYR A 78 3.40 15.63 2.19
CA TYR A 78 3.19 15.74 3.62
C TYR A 78 4.50 15.88 4.32
N TRP A 79 5.45 15.00 4.08
CA TRP A 79 6.75 15.06 4.79
C TRP A 79 7.54 16.32 4.36
N LYS A 80 7.43 16.71 3.12
CA LYS A 80 8.23 17.81 2.60
C LYS A 80 7.68 19.05 3.31
N ALA A 81 6.37 19.19 3.47
CA ALA A 81 5.76 20.35 4.16
C ALA A 81 6.16 20.48 5.65
N LEU A 82 6.47 19.33 6.29
CA LEU A 82 6.91 19.27 7.69
C LEU A 82 8.43 19.40 7.83
N GLY A 83 9.12 19.51 6.69
CA GLY A 83 10.55 19.51 6.64
C GLY A 83 11.35 18.26 6.90
N ILE A 84 10.78 17.17 6.38
CA ILE A 84 11.28 15.86 6.61
C ILE A 84 11.53 15.24 5.19
N SER A 85 12.62 14.47 5.05
CA SER A 85 12.97 13.79 3.81
C SER A 85 12.16 12.47 3.71
N PRO A 86 11.28 12.41 2.70
CA PRO A 86 10.52 11.16 2.43
C PRO A 86 11.23 10.21 1.50
N PHE A 87 11.03 8.93 1.66
CA PHE A 87 11.54 7.95 0.73
C PHE A 87 10.51 7.63 -0.33
N HIS A 88 9.27 7.34 0.09
CA HIS A 88 8.25 6.94 -0.89
C HIS A 88 7.60 8.07 -1.61
N GLU A 89 7.12 7.83 -2.81
CA GLU A 89 6.37 8.84 -3.50
C GLU A 89 4.96 9.00 -2.88
N HIS A 90 4.44 7.88 -2.43
CA HIS A 90 3.09 7.85 -1.85
C HIS A 90 2.92 6.48 -1.20
N ALA A 91 1.89 6.37 -0.39
CA ALA A 91 1.51 5.10 0.19
C ALA A 91 0.32 4.67 -0.63
N GLU A 92 0.23 3.41 -1.07
CA GLU A 92 -0.93 3.08 -1.87
C GLU A 92 -1.59 1.82 -1.41
N VAL A 93 -2.80 1.69 -1.88
CA VAL A 93 -3.52 0.51 -1.60
C VAL A 93 -4.31 0.21 -2.86
N VAL A 94 -4.22 -1.01 -3.42
CA VAL A 94 -4.99 -1.34 -4.57
C VAL A 94 -5.81 -2.61 -4.21
N PHE A 95 -7.12 -2.57 -4.48
CA PHE A 95 -8.02 -3.64 -4.02
C PHE A 95 -9.26 -3.68 -4.88
N THR A 96 -9.81 -4.90 -5.00
CA THR A 96 -11.09 -5.16 -5.69
C THR A 96 -12.20 -4.84 -4.67
N ALA A 97 -13.17 -4.02 -5.05
CA ALA A 97 -14.19 -3.57 -4.16
C ALA A 97 -15.57 -4.15 -4.60
N ASN A 98 -16.41 -4.56 -3.64
CA ASN A 98 -17.86 -4.81 -3.86
C ASN A 98 -18.14 -6.04 -4.74
N ASP A 99 -17.16 -6.91 -4.92
CA ASP A 99 -17.38 -8.03 -5.90
C ASP A 99 -18.54 -8.94 -5.45
N SER A 100 -18.66 -9.25 -4.17
CA SER A 100 -19.71 -10.21 -3.76
C SER A 100 -20.87 -9.43 -3.13
N GLY A 101 -20.91 -8.12 -3.35
CA GLY A 101 -21.90 -7.26 -2.68
C GLY A 101 -21.27 -5.95 -2.19
N PRO A 102 -22.09 -4.91 -2.01
CA PRO A 102 -21.56 -3.65 -1.49
C PRO A 102 -21.03 -3.86 -0.07
N ARG A 103 -19.89 -3.23 0.18
CA ARG A 103 -19.35 -3.22 1.54
C ARG A 103 -18.79 -1.82 1.83
N ARG A 104 -18.53 -1.57 3.09
CA ARG A 104 -17.83 -0.35 3.50
C ARG A 104 -16.41 -0.66 3.88
N TYR A 105 -15.55 0.19 3.36
CA TYR A 105 -14.07 0.06 3.51
C TYR A 105 -13.50 1.25 4.26
N THR A 106 -12.70 0.94 5.28
CA THR A 106 -11.85 1.96 5.88
C THR A 106 -10.40 1.57 5.63
N ILE A 107 -9.60 2.49 5.07
CA ILE A 107 -8.21 2.22 4.87
C ILE A 107 -7.47 3.05 5.96
N ALA A 108 -6.77 2.38 6.85
CA ALA A 108 -5.98 3.02 7.93
C ALA A 108 -4.54 2.89 7.60
N ALA A 109 -3.81 4.02 7.67
CA ALA A 109 -2.42 4.06 7.27
C ALA A 109 -1.54 4.71 8.35
N LEU A 110 -0.35 4.17 8.51
CA LEU A 110 0.60 4.71 9.45
C LEU A 110 1.84 5.05 8.70
N LEU A 111 2.24 6.31 8.84
CA LEU A 111 3.38 6.84 8.06
C LEU A 111 4.68 7.13 8.80
N SER A 112 5.79 6.73 8.23
CA SER A 112 7.14 7.18 8.64
C SER A 112 7.86 7.51 7.35
N PRO A 113 9.00 8.19 7.50
CA PRO A 113 9.62 8.64 6.29
C PRO A 113 10.04 7.51 5.36
N TYR A 114 10.51 6.42 5.93
CA TYR A 114 11.03 5.32 5.11
C TYR A 114 10.19 4.11 5.25
N SER A 115 9.02 4.29 5.80
CA SER A 115 8.09 3.06 5.93
C SER A 115 6.69 3.50 5.95
N TYR A 116 5.77 2.64 5.45
CA TYR A 116 4.39 2.86 5.76
C TYR A 116 3.69 1.50 5.87
N SER A 117 2.59 1.58 6.58
CA SER A 117 1.72 0.43 6.83
CA SER A 117 1.73 0.43 6.62
C SER A 117 0.29 0.82 6.49
N THR A 118 -0.40 -0.11 5.89
CA THR A 118 -1.79 0.10 5.69
CA THR A 118 -1.84 0.11 5.72
C THR A 118 -2.62 -1.15 6.11
N THR A 119 -3.78 -0.88 6.61
CA THR A 119 -4.73 -2.02 6.79
CA THR A 119 -4.74 -2.02 6.82
C THR A 119 -6.14 -1.62 6.39
N ALA A 120 -6.94 -2.65 6.09
CA ALA A 120 -8.32 -2.44 5.72
C ALA A 120 -9.26 -2.98 6.78
N VAL A 121 -10.30 -2.23 7.08
CA VAL A 121 -11.45 -2.73 7.81
C VAL A 121 -12.60 -2.73 6.85
N VAL A 122 -13.23 -3.91 6.71
CA VAL A 122 -14.33 -4.08 5.77
C VAL A 122 -15.53 -4.55 6.53
N THR A 123 -16.68 -3.88 6.31
CA THR A 123 -17.96 -4.15 7.01
C THR A 123 -19.07 -4.27 6.00
N ASN A 124 -20.15 -4.93 6.31
CA ASN A 124 -21.07 -5.28 5.20
C ASN A 124 -21.92 -4.11 4.57
N PRO B 11 22.49 -3.86 -5.54
CA PRO B 11 21.99 -2.50 -5.26
C PRO B 11 20.50 -2.46 -4.96
N LEU B 12 19.74 -3.50 -5.29
CA LEU B 12 18.30 -3.49 -5.01
C LEU B 12 17.91 -4.91 -4.67
N MET B 13 17.44 -5.07 -3.44
CA MET B 13 17.03 -6.36 -2.90
C MET B 13 15.59 -6.21 -2.42
N VAL B 14 14.81 -7.27 -2.53
CA VAL B 14 13.45 -7.26 -2.07
C VAL B 14 13.29 -8.44 -1.15
N LYS B 15 12.54 -8.22 -0.10
CA LYS B 15 12.35 -9.24 0.86
C LYS B 15 10.89 -9.23 1.27
N VAL B 16 10.33 -10.41 1.36
CA VAL B 16 8.91 -10.54 1.64
C VAL B 16 8.66 -11.58 2.76
N LEU B 17 7.86 -11.15 3.71
CA LEU B 17 7.68 -11.90 4.93
C LEU B 17 6.15 -12.09 5.17
N ASP B 18 5.85 -13.24 5.77
CA ASP B 18 4.43 -13.59 6.07
C ASP B 18 4.15 -13.47 7.56
N ALA B 19 3.32 -12.50 7.92
CA ALA B 19 2.95 -12.23 9.30
C ALA B 19 1.92 -13.15 9.93
N VAL B 20 1.32 -14.01 9.10
CA VAL B 20 0.27 -14.90 9.57
C VAL B 20 0.92 -16.16 10.06
N ARG B 21 1.79 -16.70 9.22
CA ARG B 21 2.53 -17.96 9.49
C ARG B 21 3.94 -17.73 10.05
N GLY B 22 4.41 -16.49 10.08
CA GLY B 22 5.71 -16.28 10.71
C GLY B 22 6.82 -16.86 9.86
N SER B 23 6.79 -16.57 8.58
CA SER B 23 7.77 -17.14 7.68
C SER B 23 8.13 -16.22 6.48
N PRO B 24 9.23 -16.59 5.79
CA PRO B 24 9.39 -15.95 4.51
C PRO B 24 8.24 -16.26 3.57
N ALA B 25 7.94 -15.29 2.70
CA ALA B 25 7.01 -15.51 1.60
C ALA B 25 7.73 -15.97 0.38
N ILE B 26 7.62 -17.28 0.14
CA ILE B 26 8.31 -18.00 -0.91
C ILE B 26 7.58 -17.96 -2.25
N ASN B 27 8.36 -17.85 -3.33
CA ASN B 27 7.85 -17.86 -4.72
C ASN B 27 6.86 -16.74 -5.08
N VAL B 28 7.04 -15.58 -4.46
CA VAL B 28 6.23 -14.38 -4.76
C VAL B 28 6.79 -13.67 -6.00
N ALA B 29 5.95 -13.36 -6.97
CA ALA B 29 6.35 -12.57 -8.13
C ALA B 29 6.50 -11.11 -7.69
N VAL B 30 7.60 -10.51 -8.15
CA VAL B 30 7.97 -9.16 -7.88
C VAL B 30 8.42 -8.59 -9.25
N HIS B 31 7.78 -7.49 -9.64
CA HIS B 31 8.10 -6.74 -10.84
C HIS B 31 8.51 -5.36 -10.42
N VAL B 32 9.69 -4.97 -10.88
CA VAL B 32 10.18 -3.61 -10.57
C VAL B 32 10.00 -2.78 -11.86
N PHE B 33 9.43 -1.56 -11.78
CA PHE B 33 9.29 -0.62 -12.93
C PHE B 33 10.13 0.65 -12.69
N ARG B 34 10.31 1.39 -13.79
CA ARG B 34 10.88 2.75 -13.89
C ARG B 34 10.60 3.30 -15.30
N PHE B 44 11.42 -3.07 -15.62
CA PHE B 44 12.80 -2.81 -15.26
C PHE B 44 13.56 -4.08 -14.85
N ALA B 45 13.19 -4.68 -13.70
CA ALA B 45 13.66 -6.03 -13.23
C ALA B 45 12.47 -6.87 -12.78
N SER B 46 12.57 -8.20 -12.84
CA SER B 46 11.53 -8.99 -12.12
C SER B 46 12.11 -10.30 -11.56
N GLY B 47 11.30 -10.99 -10.78
CA GLY B 47 11.74 -12.24 -10.24
C GLY B 47 10.64 -12.80 -9.38
N LYS B 48 10.93 -13.93 -8.77
CA LYS B 48 10.12 -14.51 -7.80
C LYS B 48 11.04 -14.70 -6.62
N THR B 49 10.51 -14.42 -5.44
CA THR B 49 11.20 -14.76 -4.19
C THR B 49 11.73 -16.15 -3.94
N SER B 50 12.84 -16.24 -3.19
CA SER B 50 13.52 -17.54 -2.83
C SER B 50 12.98 -18.18 -1.55
N GLU B 51 13.60 -19.27 -1.10
CA GLU B 51 13.12 -20.01 0.03
C GLU B 51 13.37 -19.21 1.30
N SER B 52 14.11 -18.11 1.17
CA SER B 52 14.33 -17.28 2.33
C SER B 52 13.50 -15.98 2.20
N GLY B 53 12.62 -15.92 1.20
CA GLY B 53 11.78 -14.72 0.90
C GLY B 53 12.45 -13.54 0.22
N GLU B 54 13.68 -13.75 -0.29
CA GLU B 54 14.45 -12.68 -0.84
C GLU B 54 14.54 -12.84 -2.35
N LEU B 55 14.78 -11.71 -3.02
CA LEU B 55 14.87 -11.66 -4.48
C LEU B 55 16.11 -10.89 -4.70
N HIS B 56 17.13 -11.52 -5.23
CA HIS B 56 18.37 -10.78 -5.53
C HIS B 56 18.47 -10.61 -7.02
N GLY B 57 19.30 -9.68 -7.45
CA GLY B 57 19.81 -9.71 -8.77
C GLY B 57 18.81 -9.18 -9.76
N LEU B 58 17.95 -8.30 -9.28
CA LEU B 58 17.00 -7.64 -10.12
C LEU B 58 17.78 -6.84 -11.12
N THR B 59 18.80 -6.12 -10.59
CA THR B 59 19.87 -5.38 -11.38
C THR B 59 21.37 -5.47 -10.96
N GLY B 67 16.40 7.69 -10.32
CA GLY B 67 15.00 8.02 -10.76
C GLY B 67 13.93 7.38 -9.87
N ILE B 68 12.69 7.26 -10.36
CA ILE B 68 11.56 6.81 -9.58
C ILE B 68 11.22 5.39 -10.01
N TYR B 69 11.13 4.54 -8.98
CA TYR B 69 10.90 3.10 -9.13
C TYR B 69 9.63 2.64 -8.43
N LYS B 70 8.99 1.62 -9.04
CA LYS B 70 7.82 0.92 -8.50
C LYS B 70 8.11 -0.52 -8.36
N VAL B 71 7.93 -1.05 -7.15
CA VAL B 71 8.12 -2.47 -6.95
C VAL B 71 6.76 -3.05 -6.69
N GLU B 72 6.30 -3.97 -7.55
CA GLU B 72 4.92 -4.48 -7.43
C GLU B 72 5.03 -5.91 -7.04
N ILE B 73 4.46 -6.25 -5.89
CA ILE B 73 4.66 -7.56 -5.28
C ILE B 73 3.32 -8.27 -5.38
N ASP B 74 3.31 -9.47 -5.97
CA ASP B 74 2.01 -10.17 -6.23
C ASP B 74 1.53 -10.95 -5.01
N THR B 75 1.08 -10.19 -4.04
CA THR B 75 0.56 -10.68 -2.82
C THR B 75 -0.72 -11.46 -3.02
N LYS B 76 -1.57 -11.10 -3.98
CA LYS B 76 -2.85 -11.82 -4.17
C LYS B 76 -2.60 -13.25 -4.55
N SER B 77 -1.68 -13.53 -5.47
CA SER B 77 -1.38 -14.93 -5.79
C SER B 77 -0.78 -15.73 -4.59
N TYR B 78 0.04 -15.05 -3.75
CA TYR B 78 0.63 -15.67 -2.60
C TYR B 78 -0.49 -16.15 -1.72
N TRP B 79 -1.41 -15.28 -1.29
CA TRP B 79 -2.48 -15.69 -0.34
C TRP B 79 -3.38 -16.75 -0.99
N LYS B 80 -3.70 -16.55 -2.24
CA LYS B 80 -4.64 -17.52 -2.81
C LYS B 80 -4.04 -18.91 -2.95
N ALA B 81 -2.73 -19.05 -3.13
CA ALA B 81 -2.07 -20.36 -3.09
C ALA B 81 -2.19 -21.02 -1.70
N LEU B 82 -2.40 -20.21 -0.66
CA LEU B 82 -2.48 -20.73 0.72
C LEU B 82 -3.94 -21.02 1.09
N GLY B 83 -4.86 -20.62 0.22
CA GLY B 83 -6.27 -20.78 0.41
C GLY B 83 -6.90 -19.72 1.24
N ILE B 84 -6.25 -18.55 1.28
CA ILE B 84 -6.66 -17.41 2.13
C ILE B 84 -7.17 -16.29 1.19
N SER B 85 -8.37 -15.75 1.43
CA SER B 85 -8.87 -14.62 0.67
C SER B 85 -8.17 -13.33 1.13
N PRO B 86 -7.49 -12.69 0.21
CA PRO B 86 -6.67 -11.45 0.52
C PRO B 86 -7.39 -10.19 0.08
N PHE B 87 -7.11 -9.07 0.73
CA PHE B 87 -7.75 -7.82 0.41
C PHE B 87 -7.11 -7.14 -0.81
N HIS B 88 -5.78 -7.10 -0.86
CA HIS B 88 -5.16 -6.30 -1.90
C HIS B 88 -4.96 -7.05 -3.19
N GLU B 89 -4.83 -6.33 -4.31
CA GLU B 89 -4.42 -6.96 -5.57
C GLU B 89 -2.94 -7.28 -5.61
N HIS B 90 -2.15 -6.35 -5.08
CA HIS B 90 -0.69 -6.47 -4.99
C HIS B 90 -0.27 -5.43 -4.02
N ALA B 91 1.00 -5.50 -3.63
CA ALA B 91 1.62 -4.43 -2.90
C ALA B 91 2.52 -3.66 -3.83
N GLU B 92 2.23 -2.38 -4.03
CA GLU B 92 3.07 -1.57 -4.91
C GLU B 92 3.80 -0.48 -4.11
N VAL B 93 5.13 -0.50 -4.20
CA VAL B 93 5.92 0.41 -3.45
C VAL B 93 6.74 1.29 -4.38
N VAL B 94 6.52 2.61 -4.30
CA VAL B 94 7.03 3.58 -5.26
C VAL B 94 7.90 4.61 -4.55
N PHE B 95 9.11 4.79 -5.06
CA PHE B 95 10.11 5.57 -4.32
C PHE B 95 11.08 6.16 -5.30
N THR B 96 11.85 7.13 -4.78
CA THR B 96 12.83 7.81 -5.57
C THR B 96 14.14 7.24 -5.10
N ALA B 97 14.97 6.84 -6.05
CA ALA B 97 16.36 6.53 -5.80
C ALA B 97 17.21 7.77 -6.10
N ARG B 104 22.80 1.00 -1.95
CA ARG B 104 22.16 -0.32 -1.85
C ARG B 104 20.86 -0.34 -1.01
N TYR B 105 19.77 -0.73 -1.65
CA TYR B 105 18.45 -0.55 -1.11
C TYR B 105 17.87 -1.94 -0.87
N THR B 106 17.37 -2.16 0.35
CA THR B 106 16.48 -3.26 0.64
C THR B 106 15.06 -2.76 0.84
N ILE B 107 14.16 -3.32 0.08
CA ILE B 107 12.75 -3.04 0.19
C ILE B 107 12.13 -4.28 0.78
N ALA B 108 11.66 -4.20 2.03
CA ALA B 108 10.92 -5.27 2.67
C ALA B 108 9.44 -5.05 2.70
N ALA B 109 8.69 -6.11 2.56
CA ALA B 109 7.22 -6.06 2.71
C ALA B 109 6.78 -7.21 3.65
N LEU B 110 6.02 -6.85 4.67
CA LEU B 110 5.45 -7.76 5.63
C LEU B 110 3.95 -7.88 5.35
N LEU B 111 3.53 -9.11 5.02
CA LEU B 111 2.17 -9.36 4.53
C LEU B 111 1.21 -9.96 5.50
N SER B 112 0.02 -9.44 5.46
CA SER B 112 -1.17 -10.11 6.13
C SER B 112 -2.32 -9.97 5.14
N PRO B 113 -3.39 -10.79 5.31
CA PRO B 113 -4.44 -10.81 4.32
C PRO B 113 -5.10 -9.43 4.08
N TYR B 114 -5.23 -8.60 5.13
CA TYR B 114 -5.86 -7.29 4.97
C TYR B 114 -4.89 -6.17 5.27
N SER B 115 -3.60 -6.45 5.27
CA SER B 115 -2.62 -5.33 5.59
C SER B 115 -1.32 -5.68 4.97
N TYR B 116 -0.54 -4.61 4.74
CA TYR B 116 0.88 -4.83 4.41
C TYR B 116 1.62 -3.59 4.93
N SER B 117 2.83 -3.88 5.38
CA SER B 117 3.75 -2.70 5.67
CA SER B 117 3.80 -2.76 5.74
C SER B 117 5.02 -2.87 4.87
N THR B 118 5.66 -1.78 4.53
CA THR B 118 6.83 -1.87 3.75
C THR B 118 7.82 -0.87 4.29
N THR B 119 9.07 -1.30 4.24
CA THR B 119 10.23 -0.55 4.77
CA THR B 119 10.18 -0.40 4.66
C THR B 119 11.32 -0.46 3.68
N ALA B 120 12.15 0.60 3.72
CA ALA B 120 13.31 0.75 2.91
C ALA B 120 14.47 0.92 3.84
N VAL B 121 15.49 0.12 3.62
CA VAL B 121 16.76 0.27 4.37
C VAL B 121 17.89 0.53 3.38
N VAL B 122 18.62 1.60 3.60
CA VAL B 122 19.56 2.05 2.61
C VAL B 122 20.88 2.39 3.25
CA CA C . -19.03 -9.36 -8.86
C01 PQM D . -1.21 0.76 10.85
C02 PQM D . -2.34 1.60 10.95
C03 PQM D . -2.82 1.92 12.24
C04 PQM D . -2.11 1.42 13.34
C06 PQM D . -0.55 0.30 11.98
C07 PQM D . -4.01 2.81 12.51
C08 PQM D . -4.93 2.56 13.54
C09 PQM D . -6.00 3.47 13.74
C10 PQM D . -6.15 4.61 12.94
C11 PQM D . -5.20 4.82 11.92
C12 PQM D . -4.18 3.92 11.72
C13 PQM D . -7.28 5.60 13.14
N05 PQM D . -1.03 0.65 13.18
O14 PQM D . -7.21 6.77 12.75
O15 PQM D . -8.39 5.22 13.75
C01 PQM E . 7.74 -4.42 10.60
C02 PQM E . 8.94 -5.08 10.31
C03 PQM E . 9.39 -5.16 9.00
C04 PQM E . 8.61 -4.55 8.02
C06 PQM E . 7.00 -3.83 9.57
C07 PQM E . 10.66 -5.85 8.61
C08 PQM E . 11.38 -5.36 7.54
C09 PQM E . 12.56 -5.96 7.12
C10 PQM E . 13.07 -7.06 7.78
C11 PQM E . 12.35 -7.57 8.89
C12 PQM E . 11.15 -6.96 9.28
C13 PQM E . 14.39 -7.66 7.28
N05 PQM E . 7.46 -3.91 8.32
O14 PQM E . 14.75 -8.79 7.59
O15 PQM E . 15.19 -6.94 6.46
#